data_4JB1
#
_entry.id   4JB1
#
_cell.length_a   88.710
_cell.length_b   88.710
_cell.length_c   100.220
_cell.angle_alpha   90.000
_cell.angle_beta   90.000
_cell.angle_gamma   120.000
#
_symmetry.space_group_name_H-M   'P 61'
#
loop_
_entity.id
_entity.type
_entity.pdbx_description
1 polymer 'UDP-N-acetylenolpyruvoylglucosamine reductase'
2 non-polymer 'FLAVIN-ADENINE DINUCLEOTIDE'
3 non-polymer 'NADP NICOTINAMIDE-ADENINE-DINUCLEOTIDE PHOSPHATE'
4 non-polymer GLYCEROL
5 water water
#
_entity_poly.entity_id   1
_entity_poly.type   'polypeptide(L)'
_entity_poly.pdbx_seq_one_letter_code
;SMSLELQEHCSLKPYNTFGIDVRARLLAHARDEADVREALALARERGLPLLVIGGGSNLLLTRDVEALVLRMASQGRRIV
SDAADSVLVEAEAGEAWDPFVQWSLERGLAGLENLSLIPGTVGAAPMQNIGAYGVELKDVFDSLTALDRQDGTLREFDRQ
ACRFGYRDSLFKQEPDRWLILRVRLRLTRRERLHLDYGPVRQRLEEEGIASPTARDVSRVICAIRREKLPDPAVLGNAGS
FFKNPLVDATQAERLRQAFPDLVGYPQADGRLKLAAGWLIDKGGWKGFRDGPVGVHAQQALVLVNHGGATGAQVRALAER
IQEDVRRRFGVELEPEPNLY
;
_entity_poly.pdbx_strand_id   A
#
# COMPACT_ATOMS: atom_id res chain seq x y z
N LEU A 4 9.46 -1.20 -25.78
CA LEU A 4 8.58 -0.64 -24.68
C LEU A 4 7.08 -0.64 -24.97
N GLU A 5 6.67 -0.97 -26.19
CA GLU A 5 5.29 -0.82 -26.56
C GLU A 5 4.79 0.60 -26.25
N LEU A 6 5.69 1.58 -26.37
CA LEU A 6 5.39 3.00 -26.12
C LEU A 6 4.06 3.36 -26.67
N GLN A 7 3.39 4.30 -26.04
CA GLN A 7 2.01 4.63 -26.42
C GLN A 7 1.70 6.08 -26.14
N GLU A 8 0.87 6.67 -26.99
CA GLU A 8 0.60 8.07 -26.92
C GLU A 8 -0.85 8.33 -26.54
N HIS A 9 -1.07 9.27 -25.62
CA HIS A 9 -2.41 9.86 -25.36
C HIS A 9 -3.46 8.86 -25.00
N CYS A 10 -3.21 8.25 -23.88
CA CYS A 10 -3.65 6.91 -23.61
C CYS A 10 -4.38 6.84 -22.27
N SER A 11 -5.56 6.23 -22.26
CA SER A 11 -6.32 6.16 -21.04
C SER A 11 -5.51 5.41 -19.98
N LEU A 12 -5.56 5.89 -18.74
CA LEU A 12 -4.93 5.24 -17.63
C LEU A 12 -5.98 4.53 -16.79
N LYS A 13 -7.16 4.33 -17.37
CA LYS A 13 -8.25 3.83 -16.57
C LYS A 13 -7.98 2.43 -16.02
N PRO A 14 -7.46 1.56 -16.87
CA PRO A 14 -7.30 0.23 -16.38
C PRO A 14 -6.11 0.12 -15.49
N TYR A 15 -5.35 1.20 -15.33
CA TYR A 15 -4.08 1.16 -14.62
C TYR A 15 -4.19 1.76 -13.22
N ASN A 16 -5.40 2.11 -12.84
CA ASN A 16 -5.67 2.52 -11.48
C ASN A 16 -6.99 1.95 -10.96
N THR A 17 -6.95 1.48 -9.72
CA THR A 17 -8.03 0.78 -9.07
C THR A 17 -9.27 1.68 -8.76
N PHE A 18 -9.08 3.00 -8.72
CA PHE A 18 -10.22 3.91 -8.54
C PHE A 18 -11.02 3.97 -9.86
N GLY A 19 -10.43 3.47 -10.95
CA GLY A 19 -11.01 3.57 -12.22
C GLY A 19 -11.24 5.01 -12.70
N ILE A 20 -10.35 5.96 -12.34
CA ILE A 20 -10.29 7.29 -12.94
C ILE A 20 -9.79 7.21 -14.38
N ASP A 21 -10.43 8.01 -15.23
CA ASP A 21 -10.11 8.02 -16.64
C ASP A 21 -9.45 9.32 -17.01
N VAL A 22 -8.13 9.33 -16.91
CA VAL A 22 -7.32 10.42 -17.47
C VAL A 22 -6.40 9.75 -18.49
N ARG A 23 -5.61 10.56 -19.20
CA ARG A 23 -4.75 10.09 -20.29
C ARG A 23 -3.28 10.39 -20.00
N ALA A 24 -2.41 9.55 -20.54
CA ALA A 24 -0.96 9.69 -20.36
C ALA A 24 -0.37 10.23 -21.64
N ARG A 25 0.51 11.23 -21.60
CA ARG A 25 1.15 11.68 -22.86
C ARG A 25 1.78 10.48 -23.56
N LEU A 26 2.66 9.78 -22.82
CA LEU A 26 3.21 8.47 -23.19
C LEU A 26 3.01 7.45 -22.08
N LEU A 27 2.61 6.25 -22.48
CA LEU A 27 2.64 5.11 -21.59
C LEU A 27 3.62 4.03 -22.07
N ALA A 28 4.54 3.62 -21.22
CA ALA A 28 5.49 2.54 -21.52
C ALA A 28 5.39 1.38 -20.51
N HIS A 29 5.47 0.12 -20.93
CA HIS A 29 5.69 -1.03 -20.02
C HIS A 29 7.15 -1.37 -19.91
N ALA A 30 7.65 -1.69 -18.72
CA ALA A 30 9.06 -2.08 -18.54
C ALA A 30 9.19 -3.49 -18.01
N ARG A 31 10.19 -4.20 -18.53
CA ARG A 31 10.49 -5.56 -18.13
C ARG A 31 11.92 -5.76 -17.68
N ASP A 32 12.75 -4.70 -17.59
CA ASP A 32 14.03 -4.84 -16.89
C ASP A 32 14.91 -3.57 -16.78
N GLU A 33 16.10 -3.70 -16.19
CA GLU A 33 16.87 -2.48 -15.95
C GLU A 33 17.13 -1.70 -17.26
N ALA A 34 17.51 -2.44 -18.30
CA ALA A 34 17.66 -1.89 -19.62
C ALA A 34 16.47 -1.01 -19.99
N ASP A 35 15.23 -1.50 -19.84
CA ASP A 35 14.00 -0.78 -20.23
C ASP A 35 13.74 0.48 -19.40
N VAL A 36 13.84 0.31 -18.09
CA VAL A 36 13.88 1.38 -17.11
C VAL A 36 14.87 2.46 -17.51
N ARG A 37 16.11 2.06 -17.81
CA ARG A 37 17.10 3.05 -18.12
C ARG A 37 16.72 3.76 -19.41
N GLU A 38 15.95 3.07 -20.26
CA GLU A 38 15.64 3.57 -21.60
C GLU A 38 14.46 4.55 -21.46
N ALA A 39 13.45 4.11 -20.76
CA ALA A 39 12.35 4.99 -20.37
C ALA A 39 12.89 6.29 -19.76
N LEU A 40 13.87 6.22 -18.86
CA LEU A 40 14.44 7.44 -18.26
C LEU A 40 15.02 8.36 -19.24
N ALA A 41 15.80 7.77 -20.16
CA ALA A 41 16.52 8.50 -21.18
C ALA A 41 15.52 9.22 -22.09
N LEU A 42 14.53 8.45 -22.52
CA LEU A 42 13.47 8.93 -23.35
C LEU A 42 12.72 10.05 -22.66
N ALA A 43 12.22 9.76 -21.47
CA ALA A 43 11.51 10.76 -20.68
C ALA A 43 12.29 12.04 -20.78
N ARG A 44 13.60 11.98 -20.48
CA ARG A 44 14.42 13.17 -20.51
CA ARG A 44 14.44 13.19 -20.51
C ARG A 44 14.64 13.63 -21.95
N GLU A 45 14.69 12.67 -22.90
CA GLU A 45 14.77 13.06 -24.31
C GLU A 45 13.61 14.03 -24.58
N ARG A 46 12.39 13.58 -24.34
CA ARG A 46 11.19 14.33 -24.72
C ARG A 46 10.95 15.52 -23.80
N GLY A 47 11.76 15.72 -22.76
CA GLY A 47 11.59 16.84 -21.84
C GLY A 47 10.49 16.60 -20.83
N LEU A 48 10.07 15.35 -20.66
CA LEU A 48 8.95 15.00 -19.79
C LEU A 48 9.39 14.51 -18.40
N PRO A 49 8.55 14.72 -17.40
CA PRO A 49 8.72 14.02 -16.15
C PRO A 49 8.36 12.54 -16.32
N LEU A 50 8.89 11.72 -15.45
CA LEU A 50 8.59 10.31 -15.49
C LEU A 50 7.73 10.01 -14.27
N LEU A 51 6.58 9.38 -14.49
CA LEU A 51 5.76 8.83 -13.42
C LEU A 51 5.79 7.29 -13.36
N VAL A 52 6.44 6.71 -12.34
CA VAL A 52 6.45 5.25 -12.13
C VAL A 52 5.17 4.75 -11.50
N ILE A 53 4.59 3.70 -12.08
CA ILE A 53 3.52 2.99 -11.46
C ILE A 53 3.76 1.50 -11.42
N GLY A 54 3.14 0.86 -10.41
CA GLY A 54 3.04 -0.60 -10.31
C GLY A 54 1.60 -0.94 -10.65
N GLY A 55 0.78 -1.41 -9.71
CA GLY A 55 -0.60 -1.79 -10.09
C GLY A 55 -1.68 -0.73 -9.86
N GLY A 56 -1.26 0.47 -9.44
CA GLY A 56 -2.18 1.60 -9.42
C GLY A 56 -3.18 1.46 -8.31
N SER A 57 -2.81 0.67 -7.27
CA SER A 57 -3.71 0.36 -6.19
C SER A 57 -3.54 1.35 -5.10
N ASN A 58 -2.54 2.23 -5.18
CA ASN A 58 -2.39 3.30 -4.17
C ASN A 58 -2.12 4.66 -4.81
N LEU A 59 -2.79 4.88 -5.90
CA LEU A 59 -2.60 6.03 -6.74
C LEU A 59 -3.94 6.76 -6.92
N LEU A 60 -3.99 8.08 -6.68
CA LEU A 60 -5.12 8.94 -7.08
C LEU A 60 -4.75 9.90 -8.20
N LEU A 61 -5.10 9.58 -9.39
CA LEU A 61 -4.89 10.49 -10.51
C LEU A 61 -6.00 11.52 -10.57
N THR A 62 -5.61 12.79 -10.66
CA THR A 62 -6.53 13.92 -10.69
C THR A 62 -6.56 14.71 -11.99
N ARG A 63 -5.74 14.35 -12.98
CA ARG A 63 -5.60 15.11 -14.21
C ARG A 63 -4.90 14.23 -15.24
N ASP A 64 -5.05 14.60 -16.53
CA ASP A 64 -4.26 14.04 -17.63
C ASP A 64 -2.79 14.23 -17.27
N VAL A 65 -1.97 13.27 -17.65
CA VAL A 65 -0.61 13.13 -17.12
C VAL A 65 0.39 13.48 -18.25
N GLU A 66 0.97 14.68 -18.16
CA GLU A 66 1.92 15.15 -19.18
C GLU A 66 3.29 14.66 -18.77
N ALA A 67 3.59 13.43 -19.15
CA ALA A 67 4.71 12.72 -18.55
C ALA A 67 4.80 11.40 -19.22
N LEU A 68 5.95 10.76 -19.12
CA LEU A 68 6.05 9.38 -19.56
C LEU A 68 5.62 8.53 -18.33
N VAL A 69 4.57 7.73 -18.48
CA VAL A 69 4.13 6.84 -17.43
C VAL A 69 4.73 5.51 -17.71
N LEU A 70 5.39 4.96 -16.71
CA LEU A 70 6.13 3.70 -16.85
C LEU A 70 5.52 2.65 -15.93
N ARG A 71 4.70 1.76 -16.51
CA ARG A 71 4.13 0.59 -15.84
C ARG A 71 5.22 -0.42 -15.57
N MET A 72 5.42 -0.72 -14.30
CA MET A 72 6.55 -1.50 -13.91
C MET A 72 6.10 -2.98 -13.95
N ALA A 73 6.79 -3.79 -14.72
CA ALA A 73 6.24 -5.13 -15.06
C ALA A 73 7.30 -6.19 -15.24
N SER A 74 8.47 -5.93 -14.66
CA SER A 74 9.59 -6.89 -14.64
C SER A 74 9.24 -8.09 -13.78
N GLN A 75 9.99 -9.17 -13.94
CA GLN A 75 9.68 -10.51 -13.39
C GLN A 75 10.89 -11.30 -12.99
N GLY A 76 10.74 -12.07 -11.92
CA GLY A 76 11.87 -12.73 -11.29
C GLY A 76 11.50 -12.90 -9.83
N ARG A 77 11.42 -14.16 -9.36
CA ARG A 77 11.24 -14.50 -7.97
C ARG A 77 12.19 -15.64 -7.67
N ARG A 78 13.02 -15.52 -6.63
CA ARG A 78 13.96 -16.59 -6.32
C ARG A 78 14.44 -16.61 -4.90
N ILE A 79 14.91 -17.77 -4.47
CA ILE A 79 15.57 -17.94 -3.20
C ILE A 79 17.02 -17.44 -3.41
N VAL A 80 17.48 -16.48 -2.64
CA VAL A 80 18.86 -16.03 -2.81
C VAL A 80 19.66 -17.00 -2.02
N SER A 81 19.21 -17.31 -0.83
CA SER A 81 20.10 -17.88 0.16
C SER A 81 19.23 -18.57 1.23
N ASP A 82 19.55 -19.81 1.54
CA ASP A 82 18.83 -20.56 2.56
C ASP A 82 19.68 -20.67 3.81
N ALA A 83 19.18 -20.20 4.93
CA ALA A 83 19.92 -20.30 6.17
C ALA A 83 19.08 -21.00 7.20
N ALA A 84 18.21 -21.88 6.70
CA ALA A 84 17.56 -22.84 7.62
C ALA A 84 16.41 -22.19 8.40
N ASP A 85 16.65 -21.55 9.54
CA ASP A 85 15.53 -20.87 10.22
C ASP A 85 15.16 -19.58 9.47
N SER A 86 15.95 -19.14 8.51
CA SER A 86 15.54 -18.00 7.66
C SER A 86 16.10 -18.21 6.27
N VAL A 87 15.43 -17.59 5.29
CA VAL A 87 15.67 -17.72 3.91
C VAL A 87 15.54 -16.34 3.29
N LEU A 88 16.60 -15.93 2.60
CA LEU A 88 16.59 -14.69 1.87
C LEU A 88 16.03 -14.92 0.46
N VAL A 89 15.05 -14.11 0.08
CA VAL A 89 14.39 -14.20 -1.23
C VAL A 89 14.42 -12.81 -1.85
N GLU A 90 14.22 -12.78 -3.17
CA GLU A 90 14.36 -11.64 -3.97
C GLU A 90 13.29 -11.72 -5.01
N ALA A 91 12.66 -10.58 -5.26
CA ALA A 91 11.71 -10.48 -6.36
C ALA A 91 11.87 -9.12 -7.10
N GLU A 92 11.57 -9.15 -8.38
CA GLU A 92 11.67 -7.98 -9.19
C GLU A 92 10.45 -7.08 -8.91
N ALA A 93 10.59 -5.80 -9.26
CA ALA A 93 9.62 -4.77 -8.92
C ALA A 93 8.26 -5.03 -9.54
N GLY A 94 8.26 -5.53 -10.74
CA GLY A 94 6.98 -5.76 -11.41
C GLY A 94 6.24 -6.97 -10.95
N GLU A 95 6.82 -7.79 -10.10
CA GLU A 95 6.07 -8.97 -9.67
C GLU A 95 4.85 -8.57 -8.83
N ALA A 96 3.75 -9.26 -9.08
CA ALA A 96 2.52 -8.96 -8.40
C ALA A 96 2.59 -9.50 -6.97
N TRP A 97 2.10 -8.71 -6.04
CA TRP A 97 2.40 -8.95 -4.61
C TRP A 97 1.81 -10.23 -4.08
N ASP A 98 0.48 -10.38 -4.17
CA ASP A 98 -0.18 -11.50 -3.56
C ASP A 98 0.29 -12.83 -4.15
N PRO A 99 0.65 -12.83 -5.45
CA PRO A 99 1.15 -14.07 -6.04
C PRO A 99 2.54 -14.37 -5.59
N PHE A 100 3.34 -13.34 -5.28
CA PHE A 100 4.61 -13.51 -4.59
C PHE A 100 4.45 -14.12 -3.17
N VAL A 101 3.45 -13.65 -2.43
CA VAL A 101 3.15 -14.22 -1.14
C VAL A 101 2.91 -15.75 -1.28
N GLN A 102 1.98 -16.09 -2.18
CA GLN A 102 1.65 -17.46 -2.49
C GLN A 102 2.91 -18.21 -2.91
N TRP A 103 3.73 -17.59 -3.71
CA TRP A 103 4.99 -18.21 -4.03
C TRP A 103 5.78 -18.60 -2.75
N SER A 104 5.91 -17.64 -1.82
CA SER A 104 6.83 -17.84 -0.69
C SER A 104 6.26 -18.98 0.17
N LEU A 105 4.93 -19.04 0.31
CA LEU A 105 4.26 -20.02 1.18
C LEU A 105 4.35 -21.45 0.60
N GLU A 106 4.11 -21.59 -0.68
CA GLU A 106 4.41 -22.82 -1.44
C GLU A 106 5.83 -23.34 -1.27
N ARG A 107 6.79 -22.50 -0.92
CA ARG A 107 8.11 -23.00 -0.53
C ARG A 107 8.31 -23.23 0.95
N GLY A 108 7.23 -23.15 1.69
CA GLY A 108 7.29 -23.41 3.15
C GLY A 108 7.99 -22.29 3.88
N LEU A 109 7.87 -21.05 3.40
CA LEU A 109 8.47 -19.93 4.06
C LEU A 109 7.35 -19.11 4.66
N ALA A 110 7.58 -18.64 5.88
CA ALA A 110 6.65 -17.80 6.62
C ALA A 110 7.16 -16.33 6.76
N GLY A 111 6.21 -15.42 6.99
CA GLY A 111 6.51 -14.02 7.29
C GLY A 111 5.66 -13.11 6.47
N LEU A 112 5.20 -13.63 5.34
CA LEU A 112 4.33 -12.81 4.46
C LEU A 112 2.86 -13.12 4.62
N GLU A 113 2.53 -14.16 5.36
CA GLU A 113 1.11 -14.57 5.29
C GLU A 113 0.11 -13.47 5.69
N ASN A 114 0.52 -12.62 6.63
CA ASN A 114 -0.40 -11.60 7.10
C ASN A 114 -0.61 -10.50 6.09
N LEU A 115 0.19 -10.49 5.01
CA LEU A 115 0.11 -9.51 3.96
C LEU A 115 -0.52 -10.12 2.71
N SER A 116 -1.18 -11.30 2.87
CA SER A 116 -1.92 -11.92 1.81
C SER A 116 -2.99 -10.99 1.28
N LEU A 117 -3.15 -11.07 -0.03
CA LEU A 117 -4.20 -10.47 -0.79
C LEU A 117 -4.11 -8.94 -0.93
N ILE A 118 -3.06 -8.33 -0.38
CA ILE A 118 -2.78 -6.93 -0.67
C ILE A 118 -2.47 -6.73 -2.16
N PRO A 119 -3.20 -5.81 -2.82
CA PRO A 119 -2.92 -5.59 -4.27
C PRO A 119 -1.56 -4.95 -4.52
N GLY A 120 -1.19 -4.88 -5.79
CA GLY A 120 -0.14 -4.06 -6.25
C GLY A 120 1.07 -4.91 -6.47
N THR A 121 2.23 -4.28 -6.39
CA THR A 121 3.49 -4.87 -6.71
C THR A 121 4.56 -4.92 -5.65
N VAL A 122 5.55 -5.81 -5.88
CA VAL A 122 6.69 -5.91 -4.99
C VAL A 122 7.47 -4.64 -4.97
N GLY A 123 7.62 -4.00 -6.12
CA GLY A 123 8.37 -2.74 -6.19
C GLY A 123 7.79 -1.66 -5.29
N ALA A 124 6.47 -1.53 -5.31
CA ALA A 124 5.81 -0.50 -4.53
C ALA A 124 5.75 -0.86 -3.05
N ALA A 125 5.84 -2.14 -2.69
CA ALA A 125 5.64 -2.50 -1.27
C ALA A 125 6.48 -1.72 -0.24
N PRO A 126 7.80 -1.51 -0.48
CA PRO A 126 8.64 -0.75 0.48
C PRO A 126 8.31 0.71 0.48
N MET A 127 7.75 1.27 -0.61
CA MET A 127 7.48 2.73 -0.62
CA MET A 127 7.37 2.69 -0.69
C MET A 127 6.52 3.15 0.47
N GLN A 128 5.48 2.37 0.63
N GLN A 128 5.43 2.44 0.66
N GLN A 128 5.56 2.25 0.59
CA GLN A 128 4.47 2.67 1.59
CA GLN A 128 4.50 2.75 1.77
CA GLN A 128 4.35 2.36 1.38
C GLN A 128 4.52 1.70 2.78
C GLN A 128 4.55 1.71 2.85
C GLN A 128 4.53 1.69 2.73
N ASN A 129 5.60 0.90 2.86
CA ASN A 129 5.77 -0.05 3.96
C ASN A 129 4.42 -0.81 4.26
N ILE A 130 3.95 -1.56 3.29
CA ILE A 130 2.70 -2.25 3.37
C ILE A 130 2.52 -3.04 4.62
N GLY A 131 1.34 -2.88 5.24
CA GLY A 131 1.04 -3.63 6.47
C GLY A 131 -0.45 -4.03 6.57
N ALA A 132 -0.68 -5.15 7.29
CA ALA A 132 -2.01 -5.65 7.59
C ALA A 132 -1.81 -6.65 8.74
N TYR A 133 -2.70 -6.57 9.71
CA TYR A 133 -2.92 -7.62 10.68
C TYR A 133 -1.78 -7.79 11.60
N GLY A 134 -1.12 -6.67 11.92
CA GLY A 134 -0.01 -6.69 12.91
C GLY A 134 1.38 -6.90 12.30
N VAL A 135 1.47 -7.02 10.99
CA VAL A 135 2.73 -7.13 10.28
C VAL A 135 2.89 -6.02 9.20
N GLU A 136 4.13 -5.57 9.07
CA GLU A 136 4.58 -4.59 8.02
C GLU A 136 5.78 -5.13 7.27
N LEU A 137 5.94 -4.66 6.03
CA LEU A 137 7.00 -5.11 5.16
C LEU A 137 8.36 -4.92 5.85
N LYS A 138 8.52 -3.88 6.67
CA LYS A 138 9.88 -3.71 7.25
C LYS A 138 10.30 -4.86 8.17
N ASP A 139 9.31 -5.58 8.70
CA ASP A 139 9.55 -6.62 9.67
C ASP A 139 10.32 -7.72 9.01
N VAL A 140 10.13 -7.94 7.71
CA VAL A 140 10.91 -8.97 7.03
C VAL A 140 11.83 -8.36 5.98
N PHE A 141 12.06 -7.06 6.00
CA PHE A 141 12.74 -6.45 4.86
C PHE A 141 14.25 -6.68 5.06
N ASP A 142 14.98 -7.04 4.02
CA ASP A 142 16.45 -7.13 4.09
C ASP A 142 17.15 -5.95 3.35
N SER A 143 16.88 -5.79 2.07
CA SER A 143 17.41 -4.73 1.32
C SER A 143 16.72 -4.58 -0.02
N LEU A 144 16.97 -3.45 -0.69
CA LEU A 144 16.57 -3.32 -2.07
C LEU A 144 17.60 -2.61 -2.95
N THR A 145 17.41 -2.81 -4.22
CA THR A 145 18.18 -2.11 -5.19
C THR A 145 17.32 -1.08 -5.92
N ALA A 146 17.83 0.16 -5.96
CA ALA A 146 17.12 1.31 -6.52
C ALA A 146 18.00 2.08 -7.41
N LEU A 147 17.45 2.46 -8.56
CA LEU A 147 18.08 3.47 -9.43
C LEU A 147 17.89 4.89 -8.88
N ASP A 148 19.01 5.60 -8.75
CA ASP A 148 19.05 7.02 -8.29
C ASP A 148 18.75 7.98 -9.42
N ARG A 149 17.56 8.58 -9.47
CA ARG A 149 17.15 9.43 -10.62
C ARG A 149 17.90 10.72 -10.83
N GLN A 150 18.81 11.11 -9.91
CA GLN A 150 19.59 12.31 -10.13
C GLN A 150 20.85 12.07 -10.97
N ASP A 151 21.33 10.81 -11.03
CA ASP A 151 22.49 10.48 -11.85
C ASP A 151 22.57 9.13 -12.54
N GLY A 152 21.66 8.23 -12.24
CA GLY A 152 21.43 7.08 -13.10
C GLY A 152 22.07 5.87 -12.44
N THR A 153 22.71 6.06 -11.30
CA THR A 153 23.46 5.02 -10.70
C THR A 153 22.57 4.08 -9.89
N LEU A 154 23.11 2.90 -9.56
CA LEU A 154 22.37 1.95 -8.69
C LEU A 154 22.80 2.08 -7.27
N ARG A 155 21.86 1.96 -6.38
CA ARG A 155 22.25 1.98 -4.99
C ARG A 155 21.44 0.85 -4.28
N GLU A 156 22.01 0.28 -3.22
CA GLU A 156 21.32 -0.66 -2.37
C GLU A 156 20.89 0.02 -1.10
N PHE A 157 19.67 -0.26 -0.64
CA PHE A 157 19.24 0.27 0.65
C PHE A 157 19.05 -0.89 1.54
N ASP A 158 19.64 -0.80 2.74
CA ASP A 158 19.36 -1.78 3.74
C ASP A 158 18.13 -1.27 4.57
N ARG A 159 17.71 -2.03 5.55
CA ARG A 159 16.46 -1.70 6.28
C ARG A 159 16.54 -0.32 6.85
N GLN A 160 17.61 0.01 7.55
CA GLN A 160 17.72 1.32 8.20
C GLN A 160 17.72 2.49 7.21
N ALA A 161 18.46 2.35 6.12
CA ALA A 161 18.53 3.39 5.14
C ALA A 161 17.12 3.74 4.60
N CYS A 162 16.16 2.81 4.72
CA CYS A 162 14.84 2.99 4.08
C CYS A 162 13.97 3.85 4.96
N ARG A 163 14.36 4.14 6.19
CA ARG A 163 13.63 5.02 7.12
CA ARG A 163 13.62 5.08 7.02
C ARG A 163 12.12 4.75 7.06
N PHE A 164 11.79 3.49 7.24
CA PHE A 164 10.40 2.98 7.28
C PHE A 164 9.66 3.54 8.48
N GLY A 165 8.39 3.78 8.28
CA GLY A 165 7.51 4.22 9.34
C GLY A 165 6.13 3.75 8.96
N TYR A 166 5.11 4.21 9.67
CA TYR A 166 3.79 3.77 9.43
C TYR A 166 3.32 4.33 8.13
N ARG A 167 2.99 3.45 7.25
CA ARG A 167 2.65 3.76 5.89
C ARG A 167 3.61 4.81 5.28
N ASP A 168 4.89 4.71 5.60
CA ASP A 168 5.86 5.71 5.20
C ASP A 168 7.24 5.09 4.97
N SER A 169 8.02 5.75 4.10
CA SER A 169 9.47 5.39 3.88
C SER A 169 10.28 6.56 3.35
N LEU A 170 11.59 6.44 3.33
CA LEU A 170 12.38 7.44 2.62
C LEU A 170 11.79 7.66 1.23
N PHE A 171 11.35 6.62 0.56
CA PHE A 171 10.93 6.81 -0.83
C PHE A 171 9.64 7.61 -1.04
N LYS A 172 8.76 7.52 -0.03
CA LYS A 172 7.55 8.31 -0.01
CA LYS A 172 7.53 8.30 0.00
C LYS A 172 7.91 9.72 0.45
N GLN A 173 8.94 9.85 1.29
CA GLN A 173 9.39 11.16 1.72
CA GLN A 173 9.40 11.18 1.71
C GLN A 173 10.11 11.94 0.61
N GLU A 174 11.00 11.27 -0.15
CA GLU A 174 11.73 11.89 -1.32
C GLU A 174 11.11 11.32 -2.60
N PRO A 175 9.99 11.95 -3.00
N PRO A 175 9.86 11.64 -2.96
CA PRO A 175 9.32 11.48 -4.18
CA PRO A 175 9.20 10.55 -3.78
C PRO A 175 10.14 11.82 -5.41
C PRO A 175 9.58 10.35 -5.25
N ASP A 176 9.99 10.94 -6.39
N ASP A 176 10.26 11.34 -5.83
CA ASP A 176 10.64 11.06 -7.69
CA ASP A 176 10.59 11.37 -7.27
C ASP A 176 12.16 10.98 -7.64
C ASP A 176 12.06 11.01 -7.56
N ARG A 177 12.73 10.44 -6.57
CA ARG A 177 14.18 10.33 -6.49
C ARG A 177 14.66 8.92 -6.79
N TRP A 178 13.98 7.95 -6.25
CA TRP A 178 14.41 6.58 -6.35
C TRP A 178 13.45 5.72 -7.15
N LEU A 179 13.99 4.88 -8.00
CA LEU A 179 13.24 3.93 -8.75
C LEU A 179 13.69 2.56 -8.27
N ILE A 180 12.75 1.86 -7.64
CA ILE A 180 13.03 0.57 -7.03
C ILE A 180 12.94 -0.59 -8.06
N LEU A 181 14.00 -1.36 -8.13
CA LEU A 181 14.18 -2.35 -9.19
C LEU A 181 13.90 -3.75 -8.72
N ARG A 182 14.43 -4.06 -7.53
CA ARG A 182 14.14 -5.32 -6.90
C ARG A 182 14.28 -5.27 -5.41
N VAL A 183 13.66 -6.25 -4.79
CA VAL A 183 13.51 -6.23 -3.37
C VAL A 183 13.89 -7.55 -2.71
N ARG A 184 14.64 -7.48 -1.63
CA ARG A 184 14.96 -8.70 -0.91
C ARG A 184 14.32 -8.73 0.47
N LEU A 185 13.71 -9.86 0.82
CA LEU A 185 13.09 -10.07 2.13
C LEU A 185 13.75 -11.34 2.77
N ARG A 186 13.82 -11.31 4.10
CA ARG A 186 14.26 -12.44 4.89
C ARG A 186 13.04 -13.12 5.51
N LEU A 187 12.69 -14.32 5.05
CA LEU A 187 11.47 -15.05 5.52
C LEU A 187 11.93 -16.13 6.46
N THR A 188 11.01 -16.83 7.09
CA THR A 188 11.42 -17.77 8.16
C THR A 188 10.76 -19.12 8.06
N ARG A 189 11.26 -20.06 8.82
CA ARG A 189 10.66 -21.34 9.04
C ARG A 189 10.65 -21.48 10.53
N ARG A 190 9.59 -22.11 10.98
CA ARG A 190 9.40 -22.54 12.35
C ARG A 190 9.18 -21.42 13.34
N GLU A 191 8.85 -20.20 12.92
CA GLU A 191 8.60 -19.23 14.00
CA GLU A 191 8.51 -19.04 13.81
C GLU A 191 7.12 -19.12 14.36
N ARG A 192 6.85 -18.30 15.36
CA ARG A 192 5.51 -18.10 15.86
C ARG A 192 4.63 -17.32 14.89
N LEU A 193 3.39 -17.73 14.79
CA LEU A 193 2.41 -17.06 13.95
C LEU A 193 2.07 -15.66 14.51
N HIS A 194 1.59 -14.72 13.67
CA HIS A 194 1.12 -13.42 14.22
C HIS A 194 -0.37 -13.30 14.31
N LEU A 195 -0.93 -13.58 15.49
CA LEU A 195 -2.35 -13.72 15.61
C LEU A 195 -2.90 -12.73 16.59
N ASP A 196 -2.26 -11.58 16.72
CA ASP A 196 -2.82 -10.56 17.56
C ASP A 196 -4.21 -10.05 17.15
N TYR A 197 -4.57 -10.11 15.87
CA TYR A 197 -5.87 -9.58 15.47
C TYR A 197 -6.94 -10.64 15.68
N GLY A 198 -7.91 -10.27 16.53
CA GLY A 198 -8.95 -11.14 16.98
C GLY A 198 -9.57 -11.98 15.88
N PRO A 199 -9.98 -11.34 14.77
CA PRO A 199 -10.77 -12.09 13.75
C PRO A 199 -9.93 -13.12 13.11
N VAL A 200 -8.63 -12.84 12.96
CA VAL A 200 -7.67 -13.84 12.48
C VAL A 200 -7.57 -15.00 13.44
N ARG A 201 -7.30 -14.72 14.71
CA ARG A 201 -7.22 -15.77 15.72
C ARG A 201 -8.49 -16.63 15.77
N GLN A 202 -9.63 -15.98 15.81
CA GLN A 202 -10.86 -16.71 15.96
CA GLN A 202 -10.94 -16.60 15.89
C GLN A 202 -11.16 -17.50 14.67
N ARG A 203 -10.98 -16.93 13.48
CA ARG A 203 -11.27 -17.74 12.28
C ARG A 203 -10.29 -18.92 12.16
N LEU A 204 -9.07 -18.80 12.66
CA LEU A 204 -8.14 -19.90 12.55
C LEU A 204 -8.57 -21.01 13.51
N GLU A 205 -8.87 -20.65 14.75
CA GLU A 205 -9.42 -21.59 15.74
CA GLU A 205 -9.42 -21.60 15.71
C GLU A 205 -10.59 -22.40 15.10
N GLU A 206 -11.50 -21.73 14.39
CA GLU A 206 -12.76 -22.40 13.94
C GLU A 206 -12.49 -23.46 12.96
N GLU A 207 -11.39 -23.37 12.23
CA GLU A 207 -11.01 -24.40 11.28
C GLU A 207 -10.38 -25.66 11.95
N GLY A 208 -9.97 -25.54 13.21
CA GLY A 208 -9.42 -26.66 14.00
C GLY A 208 -8.27 -27.42 13.34
N ILE A 209 -7.32 -26.68 12.74
CA ILE A 209 -6.07 -27.32 12.26
C ILE A 209 -5.28 -27.87 13.48
N ALA A 210 -4.75 -29.09 13.36
CA ALA A 210 -4.01 -29.74 14.47
C ALA A 210 -2.78 -28.92 14.78
N SER A 211 -2.03 -28.57 13.74
CA SER A 211 -0.75 -27.82 13.83
C SER A 211 -0.73 -26.64 12.82
N PRO A 212 -1.28 -25.46 13.20
CA PRO A 212 -1.44 -24.34 12.23
C PRO A 212 -0.12 -23.79 11.72
N THR A 213 -0.05 -23.54 10.41
CA THR A 213 1.06 -22.94 9.78
C THR A 213 0.69 -21.58 9.08
N ALA A 214 1.70 -21.00 8.48
CA ALA A 214 1.57 -19.79 7.73
C ALA A 214 0.58 -19.90 6.63
N ARG A 215 0.58 -21.03 5.91
CA ARG A 215 -0.43 -21.24 4.85
C ARG A 215 -1.81 -21.15 5.43
N ASP A 216 -2.00 -21.71 6.62
CA ASP A 216 -3.32 -21.62 7.21
C ASP A 216 -3.74 -20.20 7.53
N VAL A 217 -2.84 -19.43 8.13
CA VAL A 217 -3.12 -18.08 8.38
C VAL A 217 -3.46 -17.29 7.09
N SER A 218 -2.72 -17.51 6.04
CA SER A 218 -2.99 -16.86 4.78
C SER A 218 -4.39 -17.15 4.26
N ARG A 219 -4.84 -18.40 4.34
CA ARG A 219 -6.20 -18.74 3.79
C ARG A 219 -7.25 -18.01 4.60
N VAL A 220 -7.08 -17.99 5.91
CA VAL A 220 -8.01 -17.23 6.74
C VAL A 220 -8.06 -15.72 6.36
N ILE A 221 -6.88 -15.09 6.22
CA ILE A 221 -6.83 -13.67 5.89
C ILE A 221 -7.43 -13.35 4.52
N CYS A 222 -7.11 -14.17 3.54
CA CYS A 222 -7.72 -14.02 2.24
C CYS A 222 -9.22 -14.12 2.33
N ALA A 223 -9.72 -15.03 3.17
CA ALA A 223 -11.15 -15.17 3.26
C ALA A 223 -11.83 -13.95 3.92
N ILE A 224 -11.23 -13.41 4.99
CA ILE A 224 -11.76 -12.22 5.66
C ILE A 224 -11.79 -11.02 4.74
N ARG A 225 -10.68 -10.83 4.00
CA ARG A 225 -10.51 -9.72 3.07
C ARG A 225 -11.52 -9.80 1.88
N ARG A 226 -11.68 -10.98 1.29
CA ARG A 226 -12.71 -11.17 0.22
C ARG A 226 -14.14 -10.96 0.67
N GLU A 227 -14.42 -11.35 1.91
CA GLU A 227 -15.72 -11.17 2.52
C GLU A 227 -16.00 -9.69 2.64
N LYS A 228 -15.08 -8.89 3.17
CA LYS A 228 -15.43 -7.54 3.56
C LYS A 228 -14.95 -6.37 2.70
N LEU A 229 -14.03 -6.60 1.78
CA LEU A 229 -13.39 -5.49 1.12
C LEU A 229 -13.84 -5.32 -0.28
N PRO A 230 -14.36 -4.10 -0.59
CA PRO A 230 -14.73 -3.72 -1.91
C PRO A 230 -13.60 -4.00 -2.85
N ASP A 231 -13.93 -4.74 -3.89
CA ASP A 231 -13.05 -5.06 -4.95
C ASP A 231 -13.11 -3.92 -5.96
N PRO A 232 -11.97 -3.28 -6.23
CA PRO A 232 -11.88 -2.16 -7.15
C PRO A 232 -12.45 -2.46 -8.54
N ALA A 233 -12.42 -3.72 -8.91
CA ALA A 233 -12.84 -4.08 -10.23
C ALA A 233 -14.37 -3.98 -10.38
N VAL A 234 -15.10 -4.02 -9.28
CA VAL A 234 -16.53 -3.73 -9.25
C VAL A 234 -16.92 -2.35 -8.83
N LEU A 235 -16.29 -1.86 -7.78
CA LEU A 235 -16.54 -0.58 -7.12
C LEU A 235 -15.17 0.14 -6.86
N GLY A 236 -14.89 1.18 -7.66
CA GLY A 236 -13.55 1.78 -7.71
C GLY A 236 -13.08 2.29 -6.37
N ASN A 237 -11.89 1.88 -5.92
CA ASN A 237 -11.35 2.42 -4.69
C ASN A 237 -9.84 2.20 -4.62
N ALA A 238 -9.21 2.75 -3.55
CA ALA A 238 -7.76 2.52 -3.33
C ALA A 238 -7.61 2.06 -1.89
N GLY A 239 -8.62 1.33 -1.38
CA GLY A 239 -8.46 0.67 -0.17
C GLY A 239 -8.79 1.69 0.91
N SER A 240 -8.16 1.52 2.06
CA SER A 240 -8.28 2.43 3.19
C SER A 240 -7.70 3.76 2.79
N PHE A 241 -8.53 4.79 2.68
CA PHE A 241 -8.11 6.05 2.11
C PHE A 241 -7.23 6.83 3.10
N PHE A 242 -7.46 6.64 4.39
CA PHE A 242 -6.90 7.43 5.47
C PHE A 242 -6.08 6.50 6.40
N LYS A 243 -4.91 6.99 6.74
CA LYS A 243 -4.08 6.39 7.79
C LYS A 243 -4.72 6.63 9.17
N ASN A 244 -4.54 5.69 10.09
CA ASN A 244 -4.85 5.94 11.49
C ASN A 244 -3.99 7.06 12.09
N PRO A 245 -4.61 8.11 12.61
CA PRO A 245 -3.85 9.15 13.27
C PRO A 245 -3.35 8.74 14.68
N LEU A 246 -2.11 9.12 14.95
CA LEU A 246 -1.54 8.96 16.30
C LEU A 246 -1.66 10.22 17.12
N VAL A 247 -2.27 10.19 18.30
CA VAL A 247 -2.33 11.42 19.10
C VAL A 247 -1.50 11.35 20.39
N ASP A 248 -1.07 12.54 20.83
CA ASP A 248 -0.54 12.87 22.18
C ASP A 248 -1.33 12.27 23.27
N ALA A 249 -0.71 12.09 24.43
CA ALA A 249 -1.38 11.54 25.60
C ALA A 249 -2.46 12.46 26.12
N THR A 250 -2.18 13.76 26.27
CA THR A 250 -3.18 14.62 26.91
C THR A 250 -4.31 14.90 25.91
N GLN A 251 -4.00 14.90 24.62
CA GLN A 251 -5.04 14.93 23.59
C GLN A 251 -5.91 13.65 23.50
N ALA A 252 -5.32 12.50 23.78
CA ALA A 252 -6.06 11.25 23.87
C ALA A 252 -6.91 11.34 25.10
N GLU A 253 -6.30 11.78 26.20
CA GLU A 253 -7.02 11.93 27.45
C GLU A 253 -8.31 12.75 27.10
N ARG A 254 -8.12 13.96 26.57
CA ARG A 254 -9.25 14.87 26.24
C ARG A 254 -10.34 14.29 25.32
N LEU A 255 -9.93 13.59 24.26
CA LEU A 255 -10.88 12.98 23.30
C LEU A 255 -11.74 11.90 23.90
N ARG A 256 -11.10 11.14 24.77
CA ARG A 256 -11.73 10.05 25.48
C ARG A 256 -12.71 10.57 26.54
N GLN A 257 -12.43 11.75 27.07
CA GLN A 257 -13.40 12.41 27.96
C GLN A 257 -14.65 12.75 27.15
N ALA A 258 -14.46 13.36 25.97
CA ALA A 258 -15.54 13.64 25.03
C ALA A 258 -16.30 12.40 24.62
N PHE A 259 -15.56 11.30 24.47
CA PHE A 259 -16.04 10.09 23.80
C PHE A 259 -15.52 8.88 24.52
N PRO A 260 -16.34 8.27 25.41
CA PRO A 260 -15.90 7.06 26.08
C PRO A 260 -15.90 5.83 25.19
N ASP A 261 -16.54 5.90 24.02
CA ASP A 261 -16.58 4.79 23.05
C ASP A 261 -15.40 4.81 22.08
N LEU A 262 -14.46 5.72 22.31
CA LEU A 262 -13.34 5.96 21.37
C LEU A 262 -12.43 4.76 21.20
N VAL A 263 -12.06 4.45 19.97
CA VAL A 263 -11.22 3.29 19.66
C VAL A 263 -9.76 3.69 19.43
N GLY A 264 -8.85 3.24 20.28
CA GLY A 264 -7.45 3.70 20.23
C GLY A 264 -6.56 2.60 20.73
N TYR A 265 -5.32 2.53 20.22
CA TYR A 265 -4.41 1.46 20.59
C TYR A 265 -3.13 2.08 21.11
N PRO A 266 -2.81 1.94 22.42
CA PRO A 266 -1.64 2.54 23.11
C PRO A 266 -0.30 2.16 22.49
N GLN A 267 0.68 3.06 22.41
CA GLN A 267 2.00 2.76 21.83
C GLN A 267 3.10 2.78 22.88
N ALA A 268 4.21 2.12 22.58
CA ALA A 268 5.37 2.03 23.50
C ALA A 268 5.79 3.39 24.08
N ASP A 269 5.61 4.43 23.28
CA ASP A 269 5.91 5.76 23.72
C ASP A 269 4.75 6.60 24.29
N GLY A 270 3.62 5.98 24.68
CA GLY A 270 2.56 6.67 25.44
C GLY A 270 1.47 7.29 24.60
N ARG A 271 1.80 7.56 23.34
CA ARG A 271 0.80 8.02 22.38
C ARG A 271 -0.27 7.00 22.02
N LEU A 272 -1.41 7.50 21.54
CA LEU A 272 -2.52 6.65 21.08
C LEU A 272 -2.69 6.61 19.57
N LYS A 273 -2.69 5.42 18.99
CA LYS A 273 -3.09 5.22 17.58
C LYS A 273 -4.58 5.13 17.55
N LEU A 274 -5.26 6.20 17.13
CA LEU A 274 -6.72 6.15 16.91
C LEU A 274 -7.15 5.34 15.68
N ALA A 275 -8.35 4.78 15.74
CA ALA A 275 -8.91 4.06 14.60
C ALA A 275 -9.64 5.05 13.76
N ALA A 276 -9.18 5.25 12.54
CA ALA A 276 -9.80 6.25 11.64
C ALA A 276 -11.19 5.84 11.16
N GLY A 277 -11.42 4.55 11.06
CA GLY A 277 -12.76 4.03 10.74
C GLY A 277 -13.80 4.47 11.76
N TRP A 278 -13.46 4.24 13.01
CA TRP A 278 -14.27 4.73 14.10
C TRP A 278 -14.55 6.23 14.00
N LEU A 279 -13.56 7.07 13.73
CA LEU A 279 -13.75 8.53 13.68
C LEU A 279 -14.73 8.99 12.60
N ILE A 280 -14.47 8.46 11.40
CA ILE A 280 -15.25 8.71 10.24
C ILE A 280 -16.65 8.24 10.47
N ASP A 281 -16.80 7.04 11.03
CA ASP A 281 -18.09 6.50 11.23
C ASP A 281 -18.86 7.41 12.20
N LYS A 282 -18.19 7.73 13.29
CA LYS A 282 -18.75 8.53 14.35
C LYS A 282 -19.04 9.96 13.92
N GLY A 283 -18.30 10.49 12.97
CA GLY A 283 -18.60 11.80 12.37
C GLY A 283 -19.73 11.68 11.37
N GLY A 284 -20.14 10.43 11.13
CA GLY A 284 -21.37 10.15 10.43
C GLY A 284 -21.23 10.05 8.92
N TRP A 285 -20.06 9.71 8.39
CA TRP A 285 -19.80 9.58 6.93
C TRP A 285 -20.06 8.22 6.32
N LYS A 286 -20.26 7.21 7.16
CA LYS A 286 -20.36 5.87 6.60
C LYS A 286 -21.50 5.82 5.58
N GLY A 287 -21.28 5.32 4.37
CA GLY A 287 -22.39 5.17 3.42
C GLY A 287 -22.78 6.50 2.78
N PHE A 288 -22.23 7.62 3.23
CA PHE A 288 -22.30 8.92 2.49
C PHE A 288 -22.18 8.79 0.96
N ARG A 289 -23.00 9.56 0.30
CA ARG A 289 -22.92 9.62 -1.13
C ARG A 289 -23.47 10.95 -1.68
N ASP A 290 -22.81 11.40 -2.73
CA ASP A 290 -23.03 12.74 -3.21
C ASP A 290 -22.44 12.68 -4.61
N GLY A 291 -23.33 12.77 -5.59
CA GLY A 291 -22.98 12.53 -7.00
C GLY A 291 -22.31 11.19 -7.12
N PRO A 292 -21.21 11.06 -7.90
CA PRO A 292 -20.68 9.70 -8.20
C PRO A 292 -19.53 9.24 -7.19
N VAL A 293 -19.53 9.83 -6.00
CA VAL A 293 -18.54 9.51 -4.99
C VAL A 293 -19.24 9.29 -3.65
N GLY A 294 -18.55 8.52 -2.81
CA GLY A 294 -19.02 8.23 -1.47
C GLY A 294 -18.02 7.49 -0.59
N VAL A 295 -18.50 7.16 0.59
CA VAL A 295 -17.85 6.30 1.54
C VAL A 295 -18.67 5.04 1.59
N HIS A 296 -17.99 3.90 1.58
CA HIS A 296 -18.69 2.59 1.49
C HIS A 296 -19.62 2.47 2.68
N ALA A 297 -20.74 1.77 2.50
CA ALA A 297 -21.70 1.60 3.62
C ALA A 297 -21.14 0.86 4.81
N GLN A 298 -20.17 -0.03 4.59
CA GLN A 298 -19.63 -0.86 5.71
C GLN A 298 -18.25 -0.45 6.16
N GLN A 299 -17.37 -0.38 5.20
CA GLN A 299 -15.95 0.04 5.41
C GLN A 299 -15.76 1.56 5.31
N ALA A 300 -15.79 2.21 6.47
CA ALA A 300 -15.79 3.66 6.57
C ALA A 300 -14.53 4.33 6.02
N LEU A 301 -13.40 3.61 5.86
CA LEU A 301 -12.17 4.17 5.24
C LEU A 301 -12.21 4.10 3.73
N VAL A 302 -13.11 3.31 3.18
CA VAL A 302 -13.00 3.12 1.76
C VAL A 302 -13.84 4.16 1.04
N LEU A 303 -13.12 5.15 0.48
CA LEU A 303 -13.73 6.07 -0.48
C LEU A 303 -13.96 5.36 -1.76
N VAL A 304 -15.13 5.67 -2.38
CA VAL A 304 -15.51 4.95 -3.60
C VAL A 304 -15.91 5.88 -4.72
N ASN A 305 -15.55 5.41 -5.92
CA ASN A 305 -16.11 5.84 -7.12
C ASN A 305 -17.31 4.96 -7.50
N HIS A 306 -18.54 5.45 -7.29
CA HIS A 306 -19.75 4.70 -7.75
C HIS A 306 -19.82 4.54 -9.28
N GLY A 307 -19.04 5.30 -10.04
CA GLY A 307 -19.05 5.23 -11.50
C GLY A 307 -18.95 6.66 -12.08
N GLY A 308 -18.00 6.85 -12.99
CA GLY A 308 -17.79 8.13 -13.62
C GLY A 308 -17.21 9.22 -12.72
N ALA A 309 -16.65 8.94 -11.56
CA ALA A 309 -16.03 10.02 -10.80
C ALA A 309 -14.76 10.51 -11.51
N THR A 310 -14.48 11.79 -11.34
CA THR A 310 -13.14 12.31 -11.63
C THR A 310 -12.23 12.12 -10.37
N GLY A 311 -10.91 12.13 -10.58
CA GLY A 311 -9.95 12.17 -9.46
C GLY A 311 -10.15 13.41 -8.61
N ALA A 312 -10.52 14.52 -9.27
CA ALA A 312 -10.79 15.73 -8.50
C ALA A 312 -11.91 15.57 -7.52
N GLN A 313 -12.92 14.83 -7.92
CA GLN A 313 -14.11 14.58 -7.06
C GLN A 313 -13.73 13.75 -5.81
N VAL A 314 -12.96 12.70 -6.05
CA VAL A 314 -12.48 11.85 -4.89
C VAL A 314 -11.65 12.74 -3.93
N ARG A 315 -10.78 13.55 -4.53
CA ARG A 315 -9.97 14.47 -3.79
C ARG A 315 -10.82 15.41 -2.98
N ALA A 316 -11.76 16.07 -3.63
CA ALA A 316 -12.51 17.05 -2.91
C ALA A 316 -13.42 16.40 -1.87
N LEU A 317 -13.88 15.17 -2.11
CA LEU A 317 -14.60 14.47 -1.03
C LEU A 317 -13.66 14.17 0.16
N ALA A 318 -12.41 13.75 -0.16
CA ALA A 318 -11.45 13.48 0.92
C ALA A 318 -11.19 14.67 1.72
N GLU A 319 -10.98 15.77 1.03
CA GLU A 319 -10.79 17.02 1.68
C GLU A 319 -11.94 17.39 2.60
N ARG A 320 -13.15 17.12 2.16
CA ARG A 320 -14.33 17.49 2.95
C ARG A 320 -14.45 16.69 4.27
N ILE A 321 -14.20 15.40 4.17
CA ILE A 321 -14.17 14.51 5.31
C ILE A 321 -13.04 14.94 6.24
N GLN A 322 -11.82 15.19 5.70
CA GLN A 322 -10.74 15.65 6.55
C GLN A 322 -11.14 16.88 7.29
N GLU A 323 -11.63 17.85 6.56
CA GLU A 323 -12.07 19.11 7.17
C GLU A 323 -13.08 18.91 8.30
N ASP A 324 -14.03 18.04 8.05
CA ASP A 324 -15.07 17.78 9.04
C ASP A 324 -14.53 17.09 10.32
N VAL A 325 -13.56 16.19 10.17
CA VAL A 325 -13.04 15.48 11.27
C VAL A 325 -12.03 16.37 12.04
N ARG A 326 -11.32 17.24 11.34
CA ARG A 326 -10.56 18.29 12.05
C ARG A 326 -11.51 19.06 12.93
N ARG A 327 -12.59 19.52 12.33
CA ARG A 327 -13.51 20.34 13.08
C ARG A 327 -14.21 19.56 14.19
N ARG A 328 -14.59 18.29 13.98
CA ARG A 328 -15.35 17.56 15.03
C ARG A 328 -14.50 16.96 16.14
N PHE A 329 -13.33 16.44 15.80
CA PHE A 329 -12.55 15.74 16.80
C PHE A 329 -11.19 16.37 17.04
N GLY A 330 -10.92 17.45 16.32
CA GLY A 330 -9.60 18.04 16.31
C GLY A 330 -8.55 17.10 15.81
N VAL A 331 -8.87 16.26 14.82
CA VAL A 331 -7.87 15.30 14.34
C VAL A 331 -7.74 15.41 12.85
N GLU A 332 -6.49 15.36 12.40
CA GLU A 332 -6.19 15.44 11.00
C GLU A 332 -5.93 14.02 10.54
N LEU A 333 -6.69 13.62 9.52
CA LEU A 333 -6.48 12.37 8.85
C LEU A 333 -5.64 12.54 7.61
N GLU A 334 -4.56 11.77 7.54
CA GLU A 334 -3.70 11.81 6.40
C GLU A 334 -4.13 10.77 5.40
N PRO A 335 -3.94 11.05 4.13
CA PRO A 335 -4.29 10.10 3.07
C PRO A 335 -3.24 9.05 2.87
N GLU A 336 -3.69 7.87 2.49
CA GLU A 336 -2.81 6.83 2.10
C GLU A 336 -2.40 6.91 0.62
N PRO A 337 -3.36 7.06 -0.30
CA PRO A 337 -3.01 7.12 -1.69
C PRO A 337 -2.01 8.22 -2.03
N ASN A 338 -1.20 8.01 -3.07
CA ASN A 338 -0.35 9.07 -3.62
C ASN A 338 -1.10 9.85 -4.68
N LEU A 339 -1.10 11.16 -4.53
N LEU A 339 -1.13 11.16 -4.54
CA LEU A 339 -1.91 12.07 -5.32
CA LEU A 339 -1.94 11.97 -5.42
C LEU A 339 -1.10 12.53 -6.55
C LEU A 339 -1.13 12.53 -6.55
N TYR A 340 -1.62 12.38 -7.76
CA TYR A 340 -1.00 12.97 -8.93
C TYR A 340 -2.01 13.73 -9.78
#